data_6BDA
#
_entry.id   6BDA
#
_cell.length_a   42.690
_cell.length_b   68.980
_cell.length_c   161.720
_cell.angle_alpha   90.00
_cell.angle_beta   90.00
_cell.angle_gamma   90.00
#
_symmetry.space_group_name_H-M   'P 21 21 21'
#
loop_
_entity.id
_entity.type
_entity.pdbx_description
1 polymer 'Ribosomal protein 3/homing endonuclease-like protein fusion'
2 polymer 'Cleaved Cognate DNA strand, +11 sense'
3 polymer 'Cleaved cognate DNA strand, -11 sense'
4 polymer 'Cleaved cognate DNA strand, -11 antisense'
5 polymer 'Cleaved cognate DNA strand, +11 antisense'
6 non-polymer 'MAGNESIUM ION'
7 water water
#
loop_
_entity_poly.entity_id
_entity_poly.type
_entity_poly.pdbx_seq_one_letter_code
_entity_poly.pdbx_strand_id
1 'polypeptide(L)'
;GPLGSAYMSRRESINPWILTGFADAEGSFLLRIRNNNKSSVGYSTELGFQITLHNKDKSILENIQSTWKVGVIANSGDNA
VSLKVTRFEDLKVIIDHFEKYPLITQKLGDYMLFKQAFCVMENKEHLKINGIKELVRIKAKLNWGLTDELKFAFPEIISK
ERSLINKNIPNFKWLAGFTSGEGCFFVNLIKSKSKLGVQVQLVFSITQHIKDKNLMNSLITYLGCGYIKEKNKSEFSWLD
FVVTKFSDINDKIIPVFQENTLIGVKLEDFEDWCKVAKLIEEKKHLTESGLDEIKKIKLNMNKGRVF
;
A
2 'polydeoxyribonucleotide' (DC)(DT)(DT)(DT)(DC)(DC)(DA)(DC)(DT)(DT)(DA)(DT)(DT)(DC) B
3 'polydeoxyribonucleotide' (DG)(DA)(DC)(DC)(DT)(DT)(DT)(DT)(DA)(DC)(DC) C
4 'polydeoxyribonucleotide' (DG)(DG)(DT)(DA)(DA)(DA)(DA)(DG)(DG)(DT)(DC)(DG)(DA)(DA)(DT) D
5 'polydeoxyribonucleotide' (DA)(DA)(DG)(DT)(DG)(DG)(DA)(DA)(DA)(DG) E
#
# COMPACT_ATOMS: atom_id res chain seq x y z
N SER A 13 15.90 3.90 10.96
CA SER A 13 14.48 3.80 11.23
C SER A 13 13.66 4.48 10.14
N ILE A 14 12.55 3.86 9.77
CA ILE A 14 11.63 4.44 8.80
C ILE A 14 10.76 5.52 9.46
N ASN A 15 10.58 6.64 8.78
CA ASN A 15 9.71 7.71 9.26
C ASN A 15 8.29 7.19 9.50
N PRO A 16 7.70 7.52 10.66
CA PRO A 16 6.40 6.96 11.05
C PRO A 16 5.28 7.27 10.06
N TRP A 17 5.31 8.46 9.45
CA TRP A 17 4.31 8.83 8.47
C TRP A 17 4.51 8.07 7.16
N ILE A 18 5.77 7.90 6.76
CA ILE A 18 6.07 7.10 5.59
C ILE A 18 5.62 5.66 5.82
N LEU A 19 5.81 5.19 7.05
CA LEU A 19 5.39 3.84 7.43
C LEU A 19 3.88 3.68 7.27
N THR A 20 3.12 4.63 7.80
CA THR A 20 1.66 4.59 7.71
C THR A 20 1.18 4.64 6.26
N GLY A 21 1.83 5.47 5.45
CA GLY A 21 1.53 5.53 4.03
C GLY A 21 1.75 4.17 3.36
N PHE A 22 2.88 3.55 3.67
CA PHE A 22 3.19 2.24 3.11
C PHE A 22 2.19 1.19 3.61
N ALA A 23 1.80 1.31 4.88
CA ALA A 23 0.81 0.41 5.46
C ALA A 23 -0.55 0.58 4.79
N ASP A 24 -0.94 1.83 4.56
CA ASP A 24 -2.15 2.12 3.81
C ASP A 24 -2.13 1.41 2.46
N ALA A 25 -0.95 1.39 1.84
CA ALA A 25 -0.79 0.77 0.53
C ALA A 25 -0.75 -0.77 0.59
N GLU A 26 0.02 -1.33 1.52
CA GLU A 26 0.36 -2.75 1.45
C GLU A 26 -0.08 -3.60 2.64
N GLY A 27 -0.41 -2.94 3.75
CA GLY A 27 -0.67 -3.66 5.00
C GLY A 27 -2.03 -4.32 5.08
N SER A 28 -2.19 -5.20 6.07
CA SER A 28 -3.46 -5.87 6.28
C SER A 28 -3.58 -6.36 7.71
N PHE A 29 -4.81 -6.35 8.23
CA PHE A 29 -5.08 -6.84 9.56
C PHE A 29 -5.77 -8.18 9.48
N LEU A 30 -5.44 -9.08 10.40
CA LEU A 30 -5.99 -10.43 10.36
C LEU A 30 -6.65 -10.81 11.67
N LEU A 31 -7.74 -11.57 11.56
CA LEU A 31 -8.40 -12.13 12.72
C LEU A 31 -8.82 -13.56 12.39
N ARG A 32 -8.06 -14.52 12.90
CA ARG A 32 -8.38 -15.92 12.69
C ARG A 32 -9.26 -16.42 13.81
N ILE A 33 -10.39 -17.02 13.45
CA ILE A 33 -11.25 -17.70 14.40
C ILE A 33 -11.41 -19.14 13.93
N ARG A 34 -10.58 -20.02 14.47
CA ARG A 34 -10.47 -21.38 13.97
C ARG A 34 -11.20 -22.40 14.81
N ASN A 35 -11.81 -23.38 14.16
CA ASN A 35 -12.36 -24.53 14.87
C ASN A 35 -11.24 -25.29 15.55
N ASN A 36 -11.33 -25.39 16.88
CA ASN A 36 -10.29 -26.07 17.66
C ASN A 36 -10.93 -26.95 18.72
N ASN A 37 -10.78 -28.27 18.55
CA ASN A 37 -11.39 -29.25 19.44
C ASN A 37 -10.80 -29.22 20.85
N LYS A 38 -9.61 -28.65 20.99
CA LYS A 38 -8.94 -28.60 22.28
C LYS A 38 -9.20 -27.31 23.03
N SER A 39 -9.90 -26.38 22.39
CA SER A 39 -10.27 -25.12 23.04
C SER A 39 -11.56 -25.29 23.84
N SER A 40 -11.66 -24.58 24.96
CA SER A 40 -12.81 -24.69 25.85
C SER A 40 -14.11 -24.28 25.16
N VAL A 41 -14.04 -23.27 24.30
CA VAL A 41 -15.22 -22.82 23.57
C VAL A 41 -15.31 -23.45 22.19
N GLY A 42 -14.31 -24.26 21.85
CA GLY A 42 -14.28 -24.94 20.58
C GLY A 42 -13.68 -24.09 19.48
N TYR A 43 -13.23 -22.90 19.85
CA TYR A 43 -12.59 -21.99 18.91
C TYR A 43 -11.32 -21.37 19.50
N SER A 44 -10.27 -21.33 18.70
CA SER A 44 -9.05 -20.61 19.08
C SER A 44 -8.91 -19.40 18.16
N THR A 45 -8.23 -18.37 18.65
CA THR A 45 -8.13 -17.13 17.90
C THR A 45 -6.69 -16.67 17.68
N GLU A 46 -6.50 -15.82 16.68
CA GLU A 46 -5.21 -15.19 16.42
C GLU A 46 -5.46 -13.83 15.80
N LEU A 47 -4.84 -12.81 16.36
CA LEU A 47 -5.04 -11.44 15.94
C LEU A 47 -3.72 -10.85 15.49
N GLY A 48 -3.73 -10.09 14.38
CA GLY A 48 -2.48 -9.53 13.92
C GLY A 48 -2.49 -8.53 12.79
N PHE A 49 -1.28 -8.09 12.44
CA PHE A 49 -1.03 -7.18 11.34
C PHE A 49 0.07 -7.79 10.49
N GLN A 50 -0.03 -7.64 9.18
CA GLN A 50 0.97 -8.22 8.30
C GLN A 50 1.18 -7.44 7.01
N ILE A 51 2.39 -7.56 6.47
CA ILE A 51 2.75 -7.03 5.17
C ILE A 51 3.49 -8.12 4.40
N THR A 52 3.01 -8.44 3.21
CA THR A 52 3.70 -9.41 2.36
C THR A 52 4.18 -8.72 1.07
N LEU A 53 5.48 -8.75 0.85
CA LEU A 53 6.08 -8.09 -0.32
C LEU A 53 6.87 -9.05 -1.18
N HIS A 54 7.21 -8.61 -2.39
CA HIS A 54 8.17 -9.34 -3.21
C HIS A 54 9.50 -9.40 -2.48
N ASN A 55 10.23 -10.50 -2.66
CA ASN A 55 11.55 -10.70 -2.05
C ASN A 55 12.51 -9.52 -2.18
N LYS A 56 12.41 -8.80 -3.30
CA LYS A 56 13.36 -7.72 -3.57
C LYS A 56 13.24 -6.58 -2.57
N ASP A 57 12.10 -6.49 -1.88
CA ASP A 57 11.90 -5.45 -0.88
C ASP A 57 11.90 -6.00 0.55
N LYS A 58 12.62 -7.10 0.76
CA LYS A 58 12.75 -7.67 2.10
C LYS A 58 13.35 -6.65 3.07
N SER A 59 14.23 -5.79 2.55
CA SER A 59 14.86 -4.76 3.37
C SER A 59 13.84 -3.82 4.00
N ILE A 60 12.73 -3.56 3.31
CA ILE A 60 11.67 -2.72 3.88
C ILE A 60 11.10 -3.37 5.14
N LEU A 61 10.78 -4.64 5.06
CA LEU A 61 10.21 -5.38 6.19
C LEU A 61 11.19 -5.44 7.36
N GLU A 62 12.48 -5.59 7.06
CA GLU A 62 13.51 -5.61 8.08
C GLU A 62 13.59 -4.27 8.79
N ASN A 63 13.46 -3.19 8.02
CA ASN A 63 13.51 -1.84 8.58
C ASN A 63 12.29 -1.57 9.46
N ILE A 64 11.12 -2.03 9.02
CA ILE A 64 9.90 -1.91 9.81
C ILE A 64 10.06 -2.71 11.11
N GLN A 65 10.53 -3.95 10.98
CA GLN A 65 10.78 -4.81 12.14
C GLN A 65 11.76 -4.15 13.10
N SER A 66 12.78 -3.50 12.57
CA SER A 66 13.78 -2.83 13.38
C SER A 66 13.21 -1.58 14.05
N THR A 67 12.30 -0.89 13.36
CA THR A 67 11.70 0.33 13.89
C THR A 67 10.70 0.03 15.00
N TRP A 68 9.83 -0.97 14.78
CA TRP A 68 8.80 -1.31 15.75
C TRP A 68 9.32 -2.25 16.85
N LYS A 69 10.44 -2.91 16.58
CA LYS A 69 11.02 -3.90 17.50
C LYS A 69 10.07 -5.09 17.73
N VAL A 70 9.15 -5.32 16.80
CA VAL A 70 8.24 -6.45 16.88
C VAL A 70 8.06 -7.11 15.52
N GLY A 71 7.46 -8.30 15.52
CA GLY A 71 7.10 -8.95 14.27
C GLY A 71 8.08 -10.03 13.85
N VAL A 72 7.58 -10.95 13.04
CA VAL A 72 8.38 -12.07 12.55
C VAL A 72 8.43 -12.07 11.02
N ILE A 73 9.64 -12.19 10.48
CA ILE A 73 9.83 -12.24 9.03
C ILE A 73 10.04 -13.68 8.57
N ALA A 74 9.27 -14.09 7.56
CA ALA A 74 9.35 -15.45 7.03
C ALA A 74 9.01 -15.48 5.55
N ASN A 75 9.49 -16.50 4.85
CA ASN A 75 9.18 -16.68 3.44
C ASN A 75 7.69 -16.88 3.22
N SER A 76 7.17 -16.31 2.14
CA SER A 76 5.78 -16.51 1.74
C SER A 76 5.76 -17.06 0.32
N GLY A 77 6.15 -18.33 0.19
CA GLY A 77 6.39 -18.89 -1.13
C GLY A 77 7.81 -18.58 -1.54
N ASP A 78 8.15 -18.85 -2.79
CA ASP A 78 9.52 -18.70 -3.27
C ASP A 78 9.86 -17.29 -3.74
N ASN A 79 8.83 -16.48 -3.99
CA ASN A 79 9.05 -15.14 -4.56
C ASN A 79 8.58 -14.00 -3.65
N ALA A 80 8.08 -14.33 -2.47
CA ALA A 80 7.57 -13.31 -1.56
C ALA A 80 8.06 -13.52 -0.13
N VAL A 81 7.91 -12.49 0.69
CA VAL A 81 8.35 -12.53 2.07
C VAL A 81 7.36 -11.72 2.92
N SER A 82 7.10 -12.19 4.13
CA SER A 82 6.11 -11.53 4.97
C SER A 82 6.67 -11.07 6.31
N LEU A 83 6.13 -9.96 6.80
CA LEU A 83 6.33 -9.55 8.18
C LEU A 83 4.99 -9.69 8.88
N LYS A 84 4.95 -10.53 9.91
CA LYS A 84 3.71 -10.75 10.65
C LYS A 84 3.90 -10.45 12.14
N VAL A 85 2.94 -9.72 12.70
CA VAL A 85 2.91 -9.46 14.13
C VAL A 85 1.62 -10.02 14.71
N THR A 86 1.72 -11.11 15.48
CA THR A 86 0.52 -11.70 16.07
C THR A 86 0.66 -11.88 17.59
N ARG A 87 1.89 -11.78 18.09
CA ARG A 87 2.15 -11.87 19.53
C ARG A 87 1.39 -10.76 20.25
N PHE A 88 0.54 -11.14 21.20
CA PHE A 88 -0.47 -10.22 21.70
C PHE A 88 0.09 -8.94 22.33
N GLU A 89 1.10 -9.06 23.18
CA GLU A 89 1.70 -7.89 23.79
C GLU A 89 2.34 -6.97 22.75
N ASP A 90 2.85 -7.55 21.67
CA ASP A 90 3.48 -6.77 20.61
C ASP A 90 2.47 -5.97 19.81
N LEU A 91 1.20 -6.36 19.86
CA LEU A 91 0.14 -5.67 19.14
C LEU A 91 -0.08 -4.27 19.71
N LYS A 92 0.35 -4.06 20.96
CA LYS A 92 0.25 -2.75 21.59
C LYS A 92 1.12 -1.73 20.86
N VAL A 93 2.24 -2.20 20.32
CA VAL A 93 3.12 -1.34 19.53
C VAL A 93 2.42 -0.92 18.24
N ILE A 94 1.73 -1.87 17.62
CA ILE A 94 0.93 -1.60 16.43
C ILE A 94 -0.14 -0.55 16.71
N ILE A 95 -0.89 -0.76 17.79
CA ILE A 95 -1.94 0.16 18.19
C ILE A 95 -1.38 1.55 18.48
N ASP A 96 -0.28 1.59 19.21
CA ASP A 96 0.39 2.86 19.52
C ASP A 96 0.71 3.65 18.25
N HIS A 97 1.28 2.98 17.26
CA HIS A 97 1.68 3.65 16.03
C HIS A 97 0.49 4.24 15.28
N PHE A 98 -0.57 3.44 15.10
CA PHE A 98 -1.70 3.87 14.28
C PHE A 98 -2.66 4.77 15.03
N GLU A 99 -2.52 4.86 16.35
CA GLU A 99 -3.27 5.87 17.10
C GLU A 99 -2.62 7.23 16.88
N LYS A 100 -1.30 7.23 16.75
CA LYS A 100 -0.53 8.47 16.62
C LYS A 100 -0.40 8.91 15.17
N TYR A 101 -0.22 7.93 14.28
CA TYR A 101 -0.08 8.20 12.84
C TYR A 101 -1.12 7.39 12.07
N PRO A 102 -2.37 7.88 12.05
CA PRO A 102 -3.52 7.11 11.56
C PRO A 102 -3.55 6.88 10.05
N LEU A 103 -4.07 5.73 9.65
CA LEU A 103 -4.34 5.40 8.25
C LEU A 103 -5.45 6.28 7.71
N ILE A 104 -5.48 6.49 6.39
CA ILE A 104 -6.51 7.33 5.80
C ILE A 104 -7.31 6.66 4.67
N THR A 105 -6.88 5.49 4.21
CA THR A 105 -7.68 4.74 3.24
C THR A 105 -8.80 3.99 3.96
N GLN A 106 -9.55 3.16 3.24
CA GLN A 106 -10.61 2.38 3.87
C GLN A 106 -10.03 1.37 4.86
N LYS A 107 -8.72 1.17 4.80
CA LYS A 107 -8.03 0.26 5.70
C LYS A 107 -8.09 0.75 7.15
N LEU A 108 -8.37 2.04 7.32
CA LEU A 108 -8.57 2.59 8.66
C LEU A 108 -9.71 1.85 9.36
N GLY A 109 -10.76 1.54 8.60
CA GLY A 109 -11.88 0.79 9.13
C GLY A 109 -11.48 -0.59 9.61
N ASP A 110 -10.55 -1.21 8.88
CA ASP A 110 -10.02 -2.51 9.27
C ASP A 110 -9.21 -2.40 10.55
N TYR A 111 -8.45 -1.32 10.67
CA TYR A 111 -7.67 -1.09 11.89
C TYR A 111 -8.59 -0.94 13.10
N MET A 112 -9.66 -0.18 12.94
CA MET A 112 -10.61 0.04 14.02
C MET A 112 -11.23 -1.26 14.51
N LEU A 113 -11.46 -2.19 13.58
CA LEU A 113 -11.99 -3.51 13.91
C LEU A 113 -10.94 -4.34 14.63
N PHE A 114 -9.70 -4.24 14.15
CA PHE A 114 -8.54 -4.88 14.79
C PHE A 114 -8.42 -4.43 16.23
N LYS A 115 -8.63 -3.13 16.46
CA LYS A 115 -8.56 -2.56 17.80
C LYS A 115 -9.69 -3.07 18.70
N GLN A 116 -10.87 -3.27 18.11
CA GLN A 116 -12.00 -3.79 18.86
C GLN A 116 -11.73 -5.22 19.30
N ALA A 117 -11.19 -6.02 18.40
CA ALA A 117 -10.84 -7.41 18.68
C ALA A 117 -9.78 -7.49 19.76
N PHE A 118 -8.82 -6.57 19.73
CA PHE A 118 -7.76 -6.53 20.74
C PHE A 118 -8.36 -6.36 22.14
N CYS A 119 -9.31 -5.43 22.25
CA CYS A 119 -9.98 -5.17 23.52
C CYS A 119 -10.69 -6.39 24.08
N VAL A 120 -11.35 -7.15 23.19
CA VAL A 120 -12.04 -8.37 23.58
C VAL A 120 -11.04 -9.40 24.12
N MET A 121 -9.92 -9.54 23.43
CA MET A 121 -8.92 -10.52 23.81
C MET A 121 -8.10 -10.08 25.02
N GLU A 122 -7.96 -8.78 25.21
CA GLU A 122 -7.23 -8.26 26.36
C GLU A 122 -7.94 -8.63 27.66
N ASN A 123 -9.26 -8.58 27.64
CA ASN A 123 -10.06 -8.94 28.80
C ASN A 123 -10.34 -10.44 28.85
N LYS A 124 -9.64 -11.20 28.00
CA LYS A 124 -9.76 -12.65 27.94
C LYS A 124 -11.18 -13.13 27.63
N GLU A 125 -11.99 -12.26 27.04
CA GLU A 125 -13.38 -12.59 26.74
C GLU A 125 -13.49 -13.63 25.63
N HIS A 126 -12.45 -13.73 24.82
CA HIS A 126 -12.45 -14.65 23.68
C HIS A 126 -12.35 -16.11 24.12
N LEU A 127 -12.14 -16.33 25.42
CA LEU A 127 -12.10 -17.69 25.96
C LEU A 127 -13.49 -18.11 26.43
N LYS A 128 -14.44 -17.20 26.32
CA LYS A 128 -15.85 -17.50 26.60
C LYS A 128 -16.65 -17.34 25.31
N ILE A 129 -17.81 -17.98 25.25
CA ILE A 129 -18.58 -18.05 24.01
C ILE A 129 -19.10 -16.67 23.57
N ASN A 130 -19.40 -15.80 24.53
CA ASN A 130 -19.90 -14.46 24.22
C ASN A 130 -18.82 -13.63 23.55
N GLY A 131 -17.57 -13.83 23.97
CA GLY A 131 -16.45 -13.14 23.38
C GLY A 131 -16.18 -13.60 21.97
N ILE A 132 -16.37 -14.91 21.73
CA ILE A 132 -16.21 -15.48 20.41
C ILE A 132 -17.23 -14.88 19.44
N LYS A 133 -18.50 -14.90 19.86
CA LYS A 133 -19.58 -14.31 19.08
C LYS A 133 -19.30 -12.84 18.74
N GLU A 134 -18.80 -12.10 19.71
CA GLU A 134 -18.44 -10.70 19.48
C GLU A 134 -17.33 -10.59 18.45
N LEU A 135 -16.36 -11.50 18.53
CA LEU A 135 -15.26 -11.52 17.58
C LEU A 135 -15.76 -11.86 16.18
N VAL A 136 -16.73 -12.75 16.11
CA VAL A 136 -17.32 -13.11 14.82
C VAL A 136 -18.01 -11.89 14.22
N ARG A 137 -18.73 -11.14 15.05
CA ARG A 137 -19.37 -9.90 14.63
C ARG A 137 -18.35 -8.93 14.06
N ILE A 138 -17.21 -8.83 14.72
CA ILE A 138 -16.12 -7.97 14.29
C ILE A 138 -15.54 -8.46 12.96
N LYS A 139 -15.29 -9.77 12.87
CA LYS A 139 -14.70 -10.36 11.67
C LYS A 139 -15.60 -10.21 10.44
N ALA A 140 -16.91 -10.18 10.67
CA ALA A 140 -17.88 -10.08 9.57
C ALA A 140 -17.70 -8.80 8.76
N LYS A 141 -17.13 -7.78 9.39
CA LYS A 141 -16.90 -6.50 8.72
C LYS A 141 -15.43 -6.35 8.32
N LEU A 142 -14.62 -7.33 8.68
CA LEU A 142 -13.18 -7.27 8.41
C LEU A 142 -12.81 -7.97 7.11
N ASN A 143 -12.16 -7.22 6.20
CA ASN A 143 -11.68 -7.75 4.94
C ASN A 143 -12.77 -8.45 4.13
N TRP A 144 -12.59 -9.75 3.90
CA TRP A 144 -13.52 -10.51 3.09
C TRP A 144 -14.64 -11.14 3.92
N GLY A 145 -14.80 -10.66 5.16
CA GLY A 145 -15.90 -11.09 6.00
C GLY A 145 -15.78 -12.49 6.55
N LEU A 146 -16.92 -13.07 6.91
CA LEU A 146 -16.95 -14.41 7.51
C LEU A 146 -16.69 -15.50 6.48
N THR A 147 -16.27 -16.66 6.97
CA THR A 147 -16.12 -17.84 6.12
C THR A 147 -17.44 -18.60 6.10
N ASP A 148 -17.55 -19.59 5.22
CA ASP A 148 -18.78 -20.35 5.08
C ASP A 148 -19.11 -21.13 6.34
N GLU A 149 -18.08 -21.65 7.00
CA GLU A 149 -18.27 -22.41 8.23
C GLU A 149 -18.74 -21.51 9.36
N LEU A 150 -18.16 -20.31 9.44
CA LEU A 150 -18.54 -19.35 10.46
C LEU A 150 -19.95 -18.83 10.26
N LYS A 151 -20.34 -18.63 9.00
CA LYS A 151 -21.70 -18.25 8.66
C LYS A 151 -22.68 -19.33 9.08
N PHE A 152 -22.29 -20.59 8.88
CA PHE A 152 -23.13 -21.72 9.24
C PHE A 152 -23.23 -21.90 10.75
N ALA A 153 -22.16 -21.59 11.46
CA ALA A 153 -22.12 -21.75 12.90
C ALA A 153 -22.76 -20.57 13.62
N PHE A 154 -22.73 -19.41 12.97
CA PHE A 154 -23.31 -18.19 13.54
C PHE A 154 -24.21 -17.47 12.56
N PRO A 155 -25.38 -18.06 12.27
CA PRO A 155 -26.30 -17.51 11.25
C PRO A 155 -26.91 -16.16 11.65
N GLU A 156 -26.95 -15.87 12.94
CA GLU A 156 -27.51 -14.62 13.44
C GLU A 156 -26.60 -13.42 13.14
N ILE A 157 -25.36 -13.69 12.76
CA ILE A 157 -24.43 -12.64 12.41
C ILE A 157 -24.63 -12.25 10.95
N ILE A 158 -25.10 -11.03 10.73
CA ILE A 158 -25.51 -10.59 9.41
C ILE A 158 -24.50 -9.63 8.78
N SER A 159 -24.18 -9.89 7.52
CA SER A 159 -23.27 -9.03 6.76
C SER A 159 -23.87 -7.65 6.57
N LYS A 160 -23.42 -6.69 7.38
CA LYS A 160 -23.85 -5.31 7.26
C LYS A 160 -22.77 -4.49 6.57
N GLU A 161 -23.17 -3.62 5.65
CA GLU A 161 -22.21 -2.81 4.92
C GLU A 161 -21.47 -1.87 5.87
N ARG A 162 -20.18 -1.67 5.60
CA ARG A 162 -19.36 -0.80 6.44
C ARG A 162 -19.53 0.66 6.00
N SER A 163 -19.37 1.58 6.95
CA SER A 163 -19.42 2.99 6.63
C SER A 163 -18.16 3.40 5.88
N LEU A 164 -18.27 4.44 5.07
CA LEU A 164 -17.15 4.91 4.27
C LEU A 164 -16.17 5.73 5.11
N ILE A 165 -14.89 5.44 4.98
CA ILE A 165 -13.87 6.27 5.61
C ILE A 165 -13.54 7.42 4.66
N ASN A 166 -13.53 8.63 5.19
CA ASN A 166 -13.19 9.82 4.41
C ASN A 166 -12.19 10.70 5.14
N LYS A 167 -10.92 10.51 4.83
CA LYS A 167 -9.84 11.25 5.47
C LYS A 167 -8.95 11.94 4.43
N ASN A 168 -8.39 13.09 4.79
CA ASN A 168 -7.50 13.81 3.88
C ASN A 168 -6.05 13.35 4.04
N ILE A 169 -5.28 13.51 2.97
CA ILE A 169 -3.84 13.26 3.03
C ILE A 169 -3.21 14.16 4.08
N PRO A 170 -2.55 13.55 5.08
CA PRO A 170 -2.01 14.33 6.21
C PRO A 170 -0.78 15.16 5.87
N ASN A 171 0.08 14.64 4.99
CA ASN A 171 1.32 15.31 4.59
C ASN A 171 2.02 14.57 3.46
N PHE A 172 3.12 15.13 2.97
CA PHE A 172 3.85 14.52 1.86
C PHE A 172 4.65 13.29 2.27
N LYS A 173 4.89 13.12 3.56
CA LYS A 173 5.58 11.93 4.04
C LYS A 173 4.69 10.69 3.87
N TRP A 174 3.42 10.82 4.23
CA TRP A 174 2.45 9.77 4.00
C TRP A 174 2.42 9.42 2.51
N LEU A 175 2.40 10.45 1.67
CA LEU A 175 2.33 10.26 0.22
C LEU A 175 3.54 9.49 -0.30
N ALA A 176 4.72 9.77 0.24
CA ALA A 176 5.93 9.06 -0.15
C ALA A 176 5.82 7.58 0.18
N GLY A 177 5.26 7.27 1.36
CA GLY A 177 5.04 5.89 1.76
C GLY A 177 4.04 5.19 0.85
N PHE A 178 2.94 5.88 0.58
CA PHE A 178 1.86 5.35 -0.26
C PHE A 178 2.36 5.13 -1.70
N THR A 179 3.12 6.10 -2.21
CA THR A 179 3.66 6.00 -3.57
C THR A 179 4.73 4.92 -3.68
N SER A 180 5.50 4.74 -2.61
CA SER A 180 6.47 3.66 -2.55
C SER A 180 5.78 2.32 -2.77
N GLY A 181 4.52 2.22 -2.33
CA GLY A 181 3.75 1.00 -2.46
C GLY A 181 2.94 0.87 -3.74
N GLU A 182 2.38 1.97 -4.24
CA GLU A 182 1.43 1.91 -5.34
C GLU A 182 1.84 2.66 -6.60
N GLY A 183 2.90 3.46 -6.52
CA GLY A 183 3.26 4.34 -7.60
C GLY A 183 4.05 3.69 -8.72
N CYS A 184 4.07 4.34 -9.88
CA CYS A 184 4.86 3.88 -11.01
C CYS A 184 5.53 5.05 -11.70
N PHE A 185 6.84 4.96 -11.87
CA PHE A 185 7.59 5.95 -12.62
C PHE A 185 8.00 5.37 -13.95
N PHE A 186 7.36 5.83 -15.02
CA PHE A 186 7.43 5.17 -16.31
C PHE A 186 7.98 6.08 -17.40
N VAL A 187 8.83 5.52 -18.26
CA VAL A 187 9.34 6.22 -19.42
C VAL A 187 8.70 5.65 -20.67
N ASN A 188 7.76 6.40 -21.25
CA ASN A 188 7.03 5.96 -22.43
C ASN A 188 7.76 6.39 -23.71
N LEU A 189 8.10 5.42 -24.55
CA LEU A 189 8.80 5.73 -25.79
C LEU A 189 7.84 5.58 -26.97
N ILE A 190 7.32 6.71 -27.41
CA ILE A 190 6.23 6.75 -28.38
C ILE A 190 6.73 6.90 -29.82
N LYS A 191 6.32 5.97 -30.68
CA LYS A 191 6.61 6.09 -32.10
C LYS A 191 6.01 7.38 -32.64
N SER A 192 6.85 8.23 -33.22
CA SER A 192 6.42 9.57 -33.57
C SER A 192 6.85 9.99 -34.97
N LYS A 193 6.14 10.96 -35.54
CA LYS A 193 6.47 11.50 -36.84
C LYS A 193 7.49 12.64 -36.70
N SER A 194 8.23 12.61 -35.60
CA SER A 194 9.28 13.61 -35.35
C SER A 194 10.58 13.22 -36.06
N LYS A 195 11.57 14.09 -35.94
CA LYS A 195 12.89 13.86 -36.58
C LYS A 195 13.53 12.54 -36.16
N LEU A 196 13.54 12.28 -34.86
CA LEU A 196 14.17 11.07 -34.32
C LEU A 196 13.23 9.87 -34.39
N GLY A 197 11.96 10.12 -34.69
CA GLY A 197 10.98 9.06 -34.84
C GLY A 197 10.46 8.53 -33.52
N VAL A 198 10.99 9.04 -32.42
CA VAL A 198 10.59 8.60 -31.09
C VAL A 198 10.33 9.77 -30.16
N GLN A 199 9.15 9.80 -29.56
CA GLN A 199 8.83 10.81 -28.55
C GLN A 199 9.00 10.24 -27.15
N VAL A 200 9.76 10.94 -26.31
CA VAL A 200 9.95 10.53 -24.93
C VAL A 200 8.89 11.16 -24.03
N GLN A 201 8.10 10.33 -23.37
CA GLN A 201 7.06 10.83 -22.47
C GLN A 201 7.17 10.22 -21.08
N LEU A 202 7.48 11.05 -20.10
CA LEU A 202 7.49 10.60 -18.70
C LEU A 202 6.07 10.52 -18.17
N VAL A 203 5.77 9.44 -17.46
CA VAL A 203 4.45 9.23 -16.87
C VAL A 203 4.59 8.90 -15.39
N PHE A 204 3.87 9.65 -14.54
CA PHE A 204 3.75 9.31 -13.13
C PHE A 204 2.35 8.82 -12.85
N SER A 205 2.22 7.70 -12.13
CA SER A 205 0.89 7.19 -11.84
C SER A 205 0.78 6.51 -10.47
N ILE A 206 -0.42 6.61 -9.90
CA ILE A 206 -0.78 5.92 -8.67
C ILE A 206 -2.12 5.20 -8.87
N THR A 207 -2.14 3.92 -8.51
CA THR A 207 -3.33 3.08 -8.71
C THR A 207 -4.02 2.79 -7.38
N GLN A 208 -5.34 2.71 -7.39
CA GLN A 208 -6.09 2.31 -6.20
C GLN A 208 -7.52 1.88 -6.53
N HIS A 209 -8.02 0.93 -5.75
CA HIS A 209 -9.40 0.45 -5.83
C HIS A 209 -10.38 1.63 -5.72
N ILE A 210 -11.51 1.53 -6.43
CA ILE A 210 -12.48 2.63 -6.48
C ILE A 210 -13.12 2.95 -5.13
N LYS A 211 -12.98 2.04 -4.16
CA LYS A 211 -13.50 2.28 -2.83
C LYS A 211 -12.89 3.56 -2.22
N ASP A 212 -11.71 3.94 -2.69
CA ASP A 212 -11.09 5.18 -2.21
C ASP A 212 -11.03 6.23 -3.31
N LYS A 213 -12.13 6.38 -4.02
CA LYS A 213 -12.24 7.34 -5.10
C LYS A 213 -12.01 8.77 -4.61
N ASN A 214 -12.50 9.08 -3.42
CA ASN A 214 -12.35 10.42 -2.86
C ASN A 214 -10.88 10.79 -2.65
N LEU A 215 -10.14 9.85 -2.06
CA LEU A 215 -8.72 10.04 -1.85
C LEU A 215 -7.98 10.25 -3.17
N MET A 216 -8.29 9.43 -4.17
CA MET A 216 -7.62 9.51 -5.46
C MET A 216 -7.91 10.83 -6.17
N ASN A 217 -9.15 11.29 -6.08
CA ASN A 217 -9.54 12.56 -6.68
C ASN A 217 -8.84 13.74 -6.03
N SER A 218 -8.56 13.62 -4.73
CA SER A 218 -7.91 14.69 -3.97
C SER A 218 -6.47 14.90 -4.42
N LEU A 219 -5.87 13.87 -5.02
CA LEU A 219 -4.50 13.94 -5.50
C LEU A 219 -4.31 15.07 -6.51
N ILE A 220 -5.35 15.29 -7.33
CA ILE A 220 -5.32 16.34 -8.34
C ILE A 220 -5.12 17.72 -7.72
N THR A 221 -5.82 17.97 -6.61
CA THR A 221 -5.70 19.24 -5.91
C THR A 221 -4.51 19.25 -4.97
N TYR A 222 -4.18 18.10 -4.40
CA TYR A 222 -3.09 18.02 -3.44
C TYR A 222 -1.74 18.21 -4.12
N LEU A 223 -1.63 17.74 -5.36
CA LEU A 223 -0.39 17.85 -6.11
C LEU A 223 -0.42 18.96 -7.16
N GLY A 224 -1.61 19.50 -7.40
CA GLY A 224 -1.77 20.61 -8.33
C GLY A 224 -1.57 20.21 -9.78
N CYS A 225 -1.81 18.94 -10.09
CA CYS A 225 -1.67 18.44 -11.45
C CYS A 225 -2.35 17.09 -11.63
N GLY A 226 -2.39 16.59 -12.86
CA GLY A 226 -2.82 15.24 -13.14
C GLY A 226 -4.28 15.04 -13.41
N TYR A 227 -4.64 13.81 -13.77
CA TYR A 227 -6.02 13.45 -14.04
C TYR A 227 -6.30 12.00 -13.65
N ILE A 228 -7.58 11.62 -13.59
CA ILE A 228 -7.97 10.28 -13.18
C ILE A 228 -8.43 9.43 -14.36
N LYS A 229 -7.88 8.24 -14.48
CA LYS A 229 -8.37 7.25 -15.43
C LYS A 229 -9.18 6.19 -14.72
N GLU A 230 -10.36 5.86 -15.27
CA GLU A 230 -11.18 4.80 -14.70
C GLU A 230 -10.94 3.50 -15.45
N LYS A 231 -10.42 2.50 -14.76
CA LYS A 231 -10.06 1.23 -15.40
C LYS A 231 -10.84 0.06 -14.82
N ASN A 232 -11.01 -0.99 -15.62
CA ASN A 232 -11.71 -2.17 -15.18
C ASN A 232 -11.19 -3.46 -15.81
N LYS A 233 -11.46 -4.56 -15.14
CA LYS A 233 -11.06 -5.88 -15.60
C LYS A 233 -12.12 -6.87 -15.10
N SER A 234 -12.87 -7.45 -16.03
CA SER A 234 -14.05 -8.25 -15.70
C SER A 234 -15.01 -7.42 -14.84
N GLU A 235 -15.30 -7.89 -13.64
CA GLU A 235 -16.23 -7.18 -12.75
C GLU A 235 -15.51 -6.30 -11.72
N PHE A 236 -14.19 -6.20 -11.86
CA PHE A 236 -13.39 -5.41 -10.92
C PHE A 236 -13.06 -4.04 -11.51
N SER A 237 -13.06 -3.02 -10.65
CA SER A 237 -12.80 -1.65 -11.10
C SER A 237 -11.81 -0.94 -10.18
N TRP A 238 -10.94 -0.13 -10.78
CA TRP A 238 -10.01 0.67 -10.00
C TRP A 238 -9.74 2.00 -10.68
N LEU A 239 -8.95 2.85 -10.04
CA LEU A 239 -8.64 4.17 -10.55
C LEU A 239 -7.15 4.35 -10.75
N ASP A 240 -6.77 5.21 -11.68
CA ASP A 240 -5.38 5.53 -11.90
C ASP A 240 -5.19 7.04 -11.96
N PHE A 241 -4.49 7.59 -10.98
CA PHE A 241 -4.08 8.99 -11.01
C PHE A 241 -2.85 9.12 -11.90
N VAL A 242 -2.95 9.92 -12.97
CA VAL A 242 -1.88 9.97 -13.97
C VAL A 242 -1.41 11.40 -14.22
N VAL A 243 -0.09 11.58 -14.33
CA VAL A 243 0.49 12.85 -14.76
C VAL A 243 1.35 12.64 -16.00
N THR A 244 1.10 13.41 -17.06
CA THR A 244 1.87 13.28 -18.30
C THR A 244 2.44 14.60 -18.82
N LYS A 245 2.03 15.72 -18.21
CA LYS A 245 2.57 17.02 -18.58
C LYS A 245 3.95 17.19 -17.93
N PHE A 246 4.97 17.44 -18.75
CA PHE A 246 6.34 17.41 -18.24
C PHE A 246 6.64 18.50 -17.22
N SER A 247 6.12 19.70 -17.45
CA SER A 247 6.37 20.80 -16.52
C SER A 247 5.82 20.45 -15.13
N ASP A 248 4.70 19.74 -15.09
CA ASP A 248 4.15 19.29 -13.82
C ASP A 248 4.99 18.20 -13.19
N ILE A 249 5.48 17.28 -14.03
CA ILE A 249 6.35 16.20 -13.55
C ILE A 249 7.65 16.79 -12.99
N ASN A 250 8.23 17.73 -13.73
CA ASN A 250 9.51 18.29 -13.37
C ASN A 250 9.44 19.25 -12.18
N ASP A 251 8.40 20.07 -12.13
CA ASP A 251 8.31 21.15 -11.14
C ASP A 251 7.48 20.79 -9.91
N LYS A 252 6.67 19.75 -10.02
CA LYS A 252 5.78 19.40 -8.92
C LYS A 252 6.03 17.99 -8.38
N ILE A 253 5.93 16.98 -9.24
CA ILE A 253 6.09 15.60 -8.80
C ILE A 253 7.49 15.30 -8.30
N ILE A 254 8.48 15.58 -9.13
CA ILE A 254 9.87 15.29 -8.77
C ILE A 254 10.34 15.98 -7.48
N PRO A 255 10.05 17.29 -7.30
CA PRO A 255 10.47 17.91 -6.04
C PRO A 255 9.85 17.29 -4.79
N VAL A 256 8.61 16.81 -4.89
CA VAL A 256 7.94 16.19 -3.75
C VAL A 256 8.72 14.98 -3.25
N PHE A 257 9.12 14.11 -4.17
CA PHE A 257 9.77 12.87 -3.78
C PHE A 257 11.29 13.03 -3.66
N GLN A 258 11.80 14.18 -4.09
CA GLN A 258 13.18 14.53 -3.79
C GLN A 258 13.27 14.91 -2.32
N GLU A 259 12.27 15.64 -1.83
CA GLU A 259 12.23 16.09 -0.44
C GLU A 259 11.74 14.99 0.50
N ASN A 260 10.86 14.14 -0.02
CA ASN A 260 10.30 13.06 0.78
C ASN A 260 10.67 11.71 0.18
N THR A 261 11.79 11.16 0.65
CA THR A 261 12.43 10.02 0.02
C THR A 261 11.58 8.75 0.02
N LEU A 262 11.47 8.14 -1.16
CA LEU A 262 10.78 6.87 -1.32
C LEU A 262 11.58 5.73 -0.70
N ILE A 263 10.90 4.61 -0.43
CA ILE A 263 11.58 3.44 0.12
C ILE A 263 11.45 2.25 -0.83
N GLY A 264 12.36 1.29 -0.68
CA GLY A 264 12.34 0.09 -1.49
C GLY A 264 13.04 0.24 -2.83
N VAL A 265 12.90 -0.77 -3.67
CA VAL A 265 13.52 -0.76 -5.00
C VAL A 265 12.98 0.42 -5.83
N LYS A 266 11.73 0.79 -5.60
CA LYS A 266 11.10 1.87 -6.37
C LYS A 266 11.87 3.18 -6.28
N LEU A 267 12.61 3.37 -5.19
CA LEU A 267 13.48 4.54 -5.06
C LEU A 267 14.48 4.62 -6.21
N GLU A 268 15.06 3.48 -6.55
CA GLU A 268 16.03 3.41 -7.65
C GLU A 268 15.36 3.74 -8.98
N ASP A 269 14.13 3.26 -9.15
CA ASP A 269 13.38 3.54 -10.37
C ASP A 269 13.07 5.03 -10.48
N PHE A 270 12.70 5.65 -9.36
CA PHE A 270 12.44 7.08 -9.33
C PHE A 270 13.69 7.87 -9.73
N GLU A 271 14.85 7.44 -9.25
CA GLU A 271 16.08 8.16 -9.52
C GLU A 271 16.50 8.02 -10.98
N ASP A 272 16.25 6.86 -11.58
CA ASP A 272 16.51 6.68 -13.02
C ASP A 272 15.56 7.55 -13.83
N TRP A 273 14.33 7.62 -13.37
CA TRP A 273 13.27 8.45 -13.94
C TRP A 273 13.70 9.92 -13.96
N CYS A 274 14.31 10.37 -12.87
CA CYS A 274 14.78 11.75 -12.75
C CYS A 274 15.94 12.04 -13.69
N LYS A 275 16.76 11.03 -13.95
CA LYS A 275 17.85 11.15 -14.93
C LYS A 275 17.29 11.52 -16.29
N VAL A 276 16.19 10.88 -16.66
CA VAL A 276 15.55 11.14 -17.95
C VAL A 276 14.93 12.53 -17.95
N ALA A 277 14.32 12.91 -16.83
CA ALA A 277 13.72 14.23 -16.71
C ALA A 277 14.76 15.33 -16.90
N LYS A 278 15.96 15.10 -16.37
CA LYS A 278 17.04 16.06 -16.50
C LYS A 278 17.44 16.22 -17.97
N LEU A 279 17.50 15.11 -18.69
CA LEU A 279 17.82 15.12 -20.11
C LEU A 279 16.75 15.84 -20.92
N ILE A 280 15.49 15.61 -20.55
CA ILE A 280 14.36 16.28 -21.22
C ILE A 280 14.39 17.78 -20.95
N GLU A 281 14.68 18.14 -19.70
CA GLU A 281 14.79 19.55 -19.32
C GLU A 281 15.88 20.26 -20.14
N GLU A 282 16.97 19.54 -20.41
CA GLU A 282 18.08 20.10 -21.17
C GLU A 282 17.90 19.90 -22.68
N LYS A 283 16.71 19.45 -23.07
CA LYS A 283 16.35 19.22 -24.47
C LYS A 283 17.23 18.17 -25.16
N LYS A 284 17.93 17.37 -24.37
CA LYS A 284 18.83 16.36 -24.93
C LYS A 284 18.07 15.16 -25.48
N HIS A 285 16.80 15.05 -25.10
CA HIS A 285 15.94 13.97 -25.57
C HIS A 285 15.62 14.13 -27.06
N LEU A 286 15.95 15.29 -27.61
CA LEU A 286 15.74 15.56 -29.03
C LEU A 286 17.05 15.39 -29.82
N THR A 287 18.05 14.79 -29.18
CA THR A 287 19.32 14.47 -29.84
C THR A 287 19.49 12.96 -29.88
N GLU A 288 20.29 12.48 -30.84
CA GLU A 288 20.54 11.05 -30.97
C GLU A 288 21.25 10.50 -29.74
N SER A 289 22.23 11.24 -29.24
CA SER A 289 23.00 10.83 -28.07
C SER A 289 22.12 10.72 -26.83
N GLY A 290 21.25 11.71 -26.63
CA GLY A 290 20.37 11.74 -25.47
C GLY A 290 19.32 10.65 -25.52
N LEU A 291 18.74 10.44 -26.70
CA LEU A 291 17.76 9.39 -26.89
C LEU A 291 18.37 8.02 -26.62
N ASP A 292 19.62 7.83 -27.06
CA ASP A 292 20.33 6.59 -26.83
C ASP A 292 20.50 6.30 -25.35
N GLU A 293 20.86 7.32 -24.59
CA GLU A 293 21.03 7.17 -23.14
C GLU A 293 19.71 6.85 -22.47
N ILE A 294 18.64 7.51 -22.92
CA ILE A 294 17.32 7.30 -22.36
C ILE A 294 16.84 5.87 -22.59
N LYS A 295 17.05 5.35 -23.80
CA LYS A 295 16.70 3.98 -24.12
C LYS A 295 17.41 2.98 -23.22
N LYS A 296 18.68 3.25 -22.92
CA LYS A 296 19.47 2.38 -22.04
C LYS A 296 18.97 2.45 -20.60
N ILE A 297 18.60 3.65 -20.15
CA ILE A 297 18.04 3.83 -18.82
C ILE A 297 16.74 3.06 -18.66
N LYS A 298 15.86 3.19 -19.66
CA LYS A 298 14.56 2.52 -19.62
C LYS A 298 14.70 1.01 -19.52
N LEU A 299 15.67 0.46 -20.24
CA LEU A 299 15.90 -0.99 -20.28
C LEU A 299 16.32 -1.56 -18.93
N ASN A 300 16.93 -0.74 -18.09
CA ASN A 300 17.43 -1.21 -16.80
C ASN A 300 16.56 -0.83 -15.61
N MET A 301 15.44 -0.16 -15.85
CA MET A 301 14.56 0.25 -14.76
C MET A 301 13.30 -0.59 -14.72
N ASN A 302 12.57 -0.46 -13.62
CA ASN A 302 11.32 -1.20 -13.40
C ASN A 302 11.47 -2.69 -13.66
N LYS A 303 10.67 -3.24 -14.57
CA LYS A 303 10.71 -4.68 -14.83
C LYS A 303 11.98 -5.12 -15.53
N GLY A 304 12.78 -4.16 -16.00
CA GLY A 304 14.03 -4.46 -16.66
C GLY A 304 15.18 -4.67 -15.69
N ARG A 305 14.99 -4.24 -14.44
CA ARG A 305 16.01 -4.39 -13.41
C ARG A 305 16.34 -5.86 -13.16
N VAL A 306 17.53 -6.10 -12.73
CA VAL A 306 17.91 -7.43 -12.45
C VAL A 306 18.37 -7.48 -10.99
N PHE A 307 18.02 -8.54 -10.31
CA PHE A 307 18.46 -8.77 -8.95
C PHE A 307 19.27 -10.14 -8.79
#